data_3KYF
#
_entry.id   3KYF
#
_cell.length_a   112.700
_cell.length_b   41.304
_cell.length_c   61.590
_cell.angle_alpha   90.00
_cell.angle_beta   92.21
_cell.angle_gamma   90.00
#
_symmetry.space_group_name_H-M   'C 1 2 1'
#
loop_
_entity.id
_entity.type
_entity.pdbx_description
1 polymer 'Putative uncharacterized protein'
2 non-polymer "GUANOSINE-5'-MONOPHOSPHATE"
3 water water
#
_entity_poly.entity_id   1
_entity_poly.type   'polypeptide(L)'
_entity_poly.pdbx_seq_one_letter_code
;PQPPKVLSTPLEIAANLRQLQESHDPLIITFHDRSHRFQSYVVHVDRESNTLALDEMIPRDGEKFIENGEHFRVEGFHDG
VRIAWECDHALKISEVDGHRCYSGPLPQEVTYHQRRNAFRAALKLSQLVDIILDGAHLKGNGAMRGKLLDISATGCKLRF
EGNVEDRLQLGQVYERFKAGNPLGLVDTMVELRHLHYEERINTTFAGVRFHNLSGQAQRKIESFVYQLQRE
;
_entity_poly.pdbx_strand_id   A
#
loop_
_chem_comp.id
_chem_comp.type
_chem_comp.name
_chem_comp.formula
5GP non-polymer GUANOSINE-5'-MONOPHOSPHATE 'C10 H14 N5 O8 P'
#
# COMPACT_ATOMS: atom_id res chain seq x y z
N PRO A 1 -2.25 15.06 1.86
CA PRO A 1 -2.01 14.61 3.25
C PRO A 1 -3.23 13.92 3.89
N GLN A 2 -3.88 14.62 4.81
CA GLN A 2 -5.07 14.13 5.54
C GLN A 2 -4.84 12.93 6.44
N PRO A 3 -4.91 13.15 7.75
CA PRO A 3 -4.70 12.09 8.75
C PRO A 3 -5.79 11.02 8.72
N PRO A 4 -5.54 9.88 9.35
CA PRO A 4 -6.52 8.80 9.37
C PRO A 4 -7.77 9.08 10.21
N LYS A 5 -8.83 8.34 9.89
CA LYS A 5 -10.07 8.46 10.65
C LYS A 5 -9.74 7.79 11.97
N VAL A 6 -10.32 8.29 13.05
CA VAL A 6 -10.13 7.70 14.36
C VAL A 6 -11.47 7.04 14.68
N LEU A 7 -11.50 5.71 14.67
CA LEU A 7 -12.72 4.99 14.98
C LEU A 7 -12.71 4.76 16.48
N SER A 8 -13.77 5.18 17.16
CA SER A 8 -13.79 5.01 18.61
C SER A 8 -14.96 4.28 19.21
N THR A 9 -15.80 3.66 18.38
CA THR A 9 -16.94 2.93 18.91
C THR A 9 -16.79 1.42 18.70
N PRO A 10 -17.20 0.62 19.70
CA PRO A 10 -17.11 -0.84 19.60
C PRO A 10 -17.69 -1.37 18.30
N LEU A 11 -18.81 -0.78 17.87
CA LEU A 11 -19.47 -1.18 16.64
C LEU A 11 -18.56 -1.06 15.41
N GLU A 12 -17.97 0.12 15.23
CA GLU A 12 -17.07 0.38 14.10
C GLU A 12 -15.79 -0.44 14.24
N ILE A 13 -15.21 -0.39 15.43
CA ILE A 13 -13.98 -1.12 15.72
C ILE A 13 -14.12 -2.61 15.39
N ALA A 14 -15.18 -3.24 15.90
CA ALA A 14 -15.42 -4.67 15.65
C ALA A 14 -15.69 -4.96 14.18
N ALA A 15 -16.37 -4.04 13.51
CA ALA A 15 -16.68 -4.25 12.09
C ALA A 15 -15.43 -4.25 11.24
N ASN A 16 -14.48 -3.38 11.54
CA ASN A 16 -13.25 -3.34 10.77
C ASN A 16 -12.37 -4.54 11.11
N LEU A 17 -12.36 -4.94 12.39
CA LEU A 17 -11.58 -6.09 12.81
C LEU A 17 -12.12 -7.38 12.17
N ARG A 18 -13.44 -7.45 11.98
CA ARG A 18 -14.02 -8.64 11.36
C ARG A 18 -13.58 -8.73 9.90
N GLN A 19 -13.45 -7.58 9.26
CA GLN A 19 -13.02 -7.55 7.87
C GLN A 19 -11.59 -8.07 7.71
N LEU A 20 -10.70 -7.69 8.64
CA LEU A 20 -9.31 -8.16 8.60
C LEU A 20 -9.32 -9.67 8.79
N GLN A 21 -10.23 -10.12 9.65
CA GLN A 21 -10.38 -11.53 9.96
C GLN A 21 -10.88 -12.34 8.77
N GLU A 22 -12.04 -11.98 8.26
CA GLU A 22 -12.65 -12.69 7.15
C GLU A 22 -11.79 -12.71 5.87
N SER A 23 -10.94 -11.69 5.70
CA SER A 23 -10.07 -11.61 4.54
C SER A 23 -8.69 -12.19 4.83
N HIS A 24 -8.45 -12.61 6.06
CA HIS A 24 -7.14 -13.15 6.42
C HIS A 24 -6.05 -12.14 6.05
N ASP A 25 -6.32 -10.86 6.32
CA ASP A 25 -5.35 -9.82 6.03
C ASP A 25 -4.19 -9.92 7.01
N PRO A 26 -2.96 -10.02 6.49
CA PRO A 26 -1.81 -10.13 7.39
C PRO A 26 -1.59 -8.86 8.21
N LEU A 27 -1.23 -9.06 9.47
CA LEU A 27 -0.97 -7.96 10.40
C LEU A 27 0.50 -7.89 10.70
N ILE A 28 0.99 -6.69 11.00
CA ILE A 28 2.39 -6.55 11.40
C ILE A 28 2.32 -6.07 12.83
N ILE A 29 2.96 -6.83 13.71
CA ILE A 29 3.01 -6.50 15.11
C ILE A 29 4.38 -5.94 15.45
N THR A 30 4.40 -4.79 16.11
CA THR A 30 5.64 -4.16 16.50
C THR A 30 5.64 -3.95 18.01
N PHE A 31 6.54 -4.64 18.71
CA PHE A 31 6.62 -4.50 20.16
C PHE A 31 7.38 -3.23 20.53
N HIS A 32 6.93 -2.58 21.61
CA HIS A 32 7.57 -1.36 22.06
C HIS A 32 9.07 -1.54 22.24
N ASP A 33 9.85 -0.69 21.58
CA ASP A 33 11.29 -0.72 21.72
C ASP A 33 11.96 -2.02 21.27
N ARG A 34 11.44 -2.62 20.21
CA ARG A 34 12.00 -3.84 19.64
C ARG A 34 11.89 -3.75 18.12
N SER A 35 13.05 -3.74 17.46
CA SER A 35 13.12 -3.60 16.02
C SER A 35 12.27 -4.54 15.19
N HIS A 36 12.47 -5.83 15.37
CA HIS A 36 11.81 -6.86 14.61
C HIS A 36 10.29 -6.82 14.50
N ARG A 37 9.76 -7.01 13.29
CA ARG A 37 8.32 -7.02 13.10
C ARG A 37 7.80 -8.45 12.93
N PHE A 38 6.74 -8.76 13.65
CA PHE A 38 6.17 -10.09 13.61
C PHE A 38 4.86 -10.08 12.83
N GLN A 39 4.44 -11.26 12.38
CA GLN A 39 3.20 -11.37 11.63
C GLN A 39 2.16 -12.14 12.41
N SER A 40 0.91 -11.76 12.21
CA SER A 40 -0.22 -12.40 12.88
C SER A 40 -1.44 -12.20 11.99
N TYR A 41 -2.60 -12.54 12.52
CA TYR A 41 -3.87 -12.41 11.82
C TYR A 41 -4.94 -12.23 12.90
N VAL A 42 -6.07 -11.63 12.55
CA VAL A 42 -7.17 -11.50 13.49
C VAL A 42 -7.88 -12.85 13.35
N VAL A 43 -8.12 -13.55 14.45
CA VAL A 43 -8.76 -14.85 14.35
C VAL A 43 -10.06 -14.95 15.12
N HIS A 44 -10.40 -13.91 15.86
CA HIS A 44 -11.64 -13.95 16.62
C HIS A 44 -12.05 -12.55 17.03
N VAL A 45 -13.29 -12.20 16.72
CA VAL A 45 -13.85 -10.90 17.06
C VAL A 45 -15.23 -11.13 17.65
N ASP A 46 -15.40 -10.69 18.89
CA ASP A 46 -16.69 -10.83 19.61
C ASP A 46 -16.95 -9.54 20.39
N ARG A 47 -17.72 -8.65 19.77
CA ARG A 47 -18.06 -7.37 20.36
C ARG A 47 -18.83 -7.48 21.69
N GLU A 48 -19.76 -8.43 21.77
CA GLU A 48 -20.53 -8.62 22.99
C GLU A 48 -19.63 -8.97 24.16
N SER A 49 -18.67 -9.85 23.93
CA SER A 49 -17.74 -10.26 24.97
C SER A 49 -16.52 -9.34 25.07
N ASN A 50 -16.52 -8.29 24.25
CA ASN A 50 -15.40 -7.34 24.19
C ASN A 50 -14.10 -8.09 24.10
N THR A 51 -14.08 -9.09 23.22
CA THR A 51 -12.90 -9.93 23.03
C THR A 51 -12.37 -9.94 21.61
N LEU A 52 -11.05 -9.81 21.51
CA LEU A 52 -10.32 -9.82 20.25
C LEU A 52 -9.18 -10.83 20.42
N ALA A 53 -9.00 -11.72 19.44
CA ALA A 53 -7.94 -12.71 19.53
C ALA A 53 -7.04 -12.63 18.30
N LEU A 54 -5.72 -12.65 18.53
CA LEU A 54 -4.74 -12.58 17.46
C LEU A 54 -4.06 -13.93 17.26
N ASP A 55 -3.74 -14.25 16.03
CA ASP A 55 -3.10 -15.51 15.68
C ASP A 55 -1.67 -15.61 16.18
N GLU A 56 -1.25 -16.85 16.41
CA GLU A 56 0.09 -17.16 16.87
C GLU A 56 1.18 -16.34 16.14
N MET A 57 2.09 -15.75 16.89
CA MET A 57 3.17 -14.94 16.30
C MET A 57 4.01 -15.70 15.27
N ILE A 58 4.63 -14.94 14.38
CA ILE A 58 5.52 -15.48 13.36
C ILE A 58 6.62 -14.44 13.14
N PRO A 59 7.87 -14.77 13.52
CA PRO A 59 8.33 -16.01 14.14
C PRO A 59 7.74 -16.33 15.51
N ARG A 60 7.63 -17.62 15.82
CA ARG A 60 7.07 -18.12 17.07
C ARG A 60 7.72 -17.55 18.33
N ASP A 61 9.00 -17.17 18.23
CA ASP A 61 9.72 -16.63 19.37
C ASP A 61 9.09 -15.34 19.92
N GLY A 62 8.37 -14.62 19.05
CA GLY A 62 7.72 -13.39 19.48
C GLY A 62 6.73 -13.59 20.61
N GLU A 63 6.23 -14.82 20.75
CA GLU A 63 5.25 -15.12 21.80
C GLU A 63 5.82 -14.78 23.18
N LYS A 64 7.15 -14.70 23.26
CA LYS A 64 7.80 -14.39 24.50
C LYS A 64 7.42 -13.01 25.00
N PHE A 65 7.30 -12.06 24.08
CA PHE A 65 6.96 -10.69 24.45
C PHE A 65 5.52 -10.55 24.89
N ILE A 66 4.67 -11.42 24.37
CA ILE A 66 3.28 -11.39 24.76
C ILE A 66 3.21 -11.96 26.18
N GLU A 67 4.07 -12.94 26.47
CA GLU A 67 4.12 -13.52 27.80
C GLU A 67 4.61 -12.43 28.75
N ASN A 68 5.63 -11.69 28.31
CA ASN A 68 6.19 -10.60 29.11
C ASN A 68 5.12 -9.54 29.31
N GLY A 69 4.07 -9.61 28.52
CA GLY A 69 3.01 -8.62 28.63
C GLY A 69 3.48 -7.27 28.12
N GLU A 70 4.29 -7.29 27.08
CA GLU A 70 4.82 -6.06 26.51
C GLU A 70 3.82 -5.37 25.58
N HIS A 71 3.88 -4.04 25.55
CA HIS A 71 2.97 -3.26 24.71
C HIS A 71 3.40 -3.32 23.25
N PHE A 72 2.42 -3.31 22.36
CA PHE A 72 2.72 -3.37 20.94
C PHE A 72 1.70 -2.63 20.07
N ARG A 73 2.10 -2.36 18.83
CA ARG A 73 1.22 -1.71 17.89
C ARG A 73 0.90 -2.78 16.85
N VAL A 74 -0.27 -2.67 16.23
CA VAL A 74 -0.71 -3.63 15.23
C VAL A 74 -1.21 -2.87 14.05
N GLU A 75 -0.85 -3.32 12.86
CA GLU A 75 -1.34 -2.68 11.66
C GLU A 75 -1.53 -3.69 10.57
N GLY A 76 -2.55 -3.46 9.76
CA GLY A 76 -2.84 -4.37 8.66
C GLY A 76 -3.64 -3.63 7.61
N PHE A 77 -3.63 -4.15 6.39
CA PHE A 77 -4.38 -3.53 5.32
C PHE A 77 -5.63 -4.32 4.94
N HIS A 78 -6.70 -3.60 4.70
CA HIS A 78 -7.91 -4.24 4.24
C HIS A 78 -8.46 -3.37 3.13
N ASP A 79 -8.51 -3.94 1.93
CA ASP A 79 -9.02 -3.23 0.78
C ASP A 79 -8.31 -1.88 0.62
N GLY A 80 -6.98 -1.91 0.74
CA GLY A 80 -6.19 -0.70 0.60
C GLY A 80 -6.08 0.22 1.81
N VAL A 81 -6.98 0.06 2.78
CA VAL A 81 -7.00 0.89 4.00
C VAL A 81 -6.10 0.34 5.10
N ARG A 82 -5.27 1.20 5.68
CA ARG A 82 -4.41 0.77 6.76
C ARG A 82 -5.20 0.86 8.04
N ILE A 83 -5.44 -0.29 8.67
CA ILE A 83 -6.19 -0.37 9.93
C ILE A 83 -5.12 -0.59 10.99
N ALA A 84 -5.07 0.29 11.99
CA ALA A 84 -4.04 0.18 13.01
C ALA A 84 -4.52 0.54 14.40
N TRP A 85 -3.89 -0.07 15.40
CA TRP A 85 -4.24 0.20 16.78
C TRP A 85 -3.12 -0.18 17.73
N GLU A 86 -3.31 0.18 18.99
CA GLU A 86 -2.35 -0.10 20.04
C GLU A 86 -2.98 -1.10 21.00
N CYS A 87 -2.15 -2.00 21.52
CA CYS A 87 -2.57 -3.00 22.48
C CYS A 87 -1.71 -2.79 23.72
N ASP A 88 -2.30 -2.26 24.79
CA ASP A 88 -1.55 -2.00 26.01
C ASP A 88 -2.05 -2.87 27.16
N HIS A 89 -2.86 -3.86 26.81
CA HIS A 89 -3.43 -4.75 27.80
C HIS A 89 -2.82 -6.17 27.78
N ALA A 90 -2.99 -6.90 28.86
CA ALA A 90 -2.45 -8.24 28.97
C ALA A 90 -3.31 -9.21 28.17
N LEU A 91 -2.66 -10.08 27.40
CA LEU A 91 -3.41 -11.05 26.62
C LEU A 91 -3.32 -12.43 27.19
N LYS A 92 -4.34 -13.24 26.93
CA LYS A 92 -4.37 -14.60 27.41
C LYS A 92 -3.93 -15.51 26.28
N ILE A 93 -2.99 -16.39 26.55
CA ILE A 93 -2.50 -17.31 25.54
C ILE A 93 -3.33 -18.58 25.61
N SER A 94 -4.01 -18.90 24.51
CA SER A 94 -4.85 -20.08 24.42
C SER A 94 -4.44 -20.99 23.28
N GLU A 95 -4.80 -22.25 23.39
CA GLU A 95 -4.48 -23.26 22.39
C GLU A 95 -5.73 -24.03 22.02
N VAL A 96 -6.03 -24.06 20.72
CA VAL A 96 -7.19 -24.79 20.25
C VAL A 96 -6.71 -25.69 19.11
N ASP A 97 -6.86 -27.00 19.30
CA ASP A 97 -6.45 -27.96 18.29
C ASP A 97 -5.00 -27.74 17.86
N GLY A 98 -4.15 -27.41 18.82
CA GLY A 98 -2.75 -27.18 18.51
C GLY A 98 -2.39 -25.76 18.09
N HIS A 99 -3.36 -25.01 17.57
CA HIS A 99 -3.12 -23.64 17.15
C HIS A 99 -3.32 -22.70 18.34
N ARG A 100 -2.31 -21.91 18.67
CA ARG A 100 -2.44 -21.00 19.80
C ARG A 100 -2.83 -19.59 19.32
N CYS A 101 -3.38 -18.80 20.24
CA CYS A 101 -3.79 -17.44 19.94
C CYS A 101 -3.76 -16.60 21.21
N TYR A 102 -3.77 -15.29 21.03
CA TYR A 102 -3.71 -14.39 22.16
C TYR A 102 -4.97 -13.56 22.15
N SER A 103 -5.73 -13.62 23.24
CA SER A 103 -6.97 -12.87 23.27
C SER A 103 -7.04 -11.88 24.44
N GLY A 104 -7.72 -10.75 24.19
CA GLY A 104 -7.88 -9.73 25.20
C GLY A 104 -9.01 -8.79 24.79
N PRO A 105 -9.16 -7.64 25.47
CA PRO A 105 -10.25 -6.74 25.08
C PRO A 105 -10.04 -6.00 23.75
N LEU A 106 -11.13 -5.59 23.13
CA LEU A 106 -11.06 -4.87 21.87
C LEU A 106 -10.31 -3.59 22.13
N PRO A 107 -9.62 -3.05 21.13
CA PRO A 107 -8.91 -1.79 21.41
C PRO A 107 -9.96 -0.67 21.52
N GLN A 108 -9.70 0.33 22.36
CA GLN A 108 -10.66 1.44 22.51
C GLN A 108 -10.74 2.29 21.24
N GLU A 109 -9.64 2.36 20.48
CA GLU A 109 -9.64 3.11 19.24
C GLU A 109 -8.80 2.42 18.17
N VAL A 110 -9.15 2.69 16.91
CA VAL A 110 -8.44 2.11 15.76
C VAL A 110 -8.35 3.22 14.72
N THR A 111 -7.22 3.31 14.03
CA THR A 111 -7.08 4.32 12.99
C THR A 111 -7.35 3.67 11.64
N TYR A 112 -7.89 4.47 10.72
CA TYR A 112 -8.30 4.03 9.40
C TYR A 112 -7.77 5.07 8.44
N HIS A 113 -6.76 4.67 7.66
CA HIS A 113 -6.07 5.56 6.74
C HIS A 113 -5.86 5.02 5.32
N GLN A 114 -6.33 5.77 4.33
CA GLN A 114 -6.17 5.42 2.92
C GLN A 114 -5.81 6.77 2.28
N ARG A 115 -4.53 6.92 1.90
CA ARG A 115 -4.00 8.16 1.34
C ARG A 115 -4.16 8.50 -0.14
N ARG A 116 -4.57 7.55 -0.98
CA ARG A 116 -4.71 7.82 -2.41
C ARG A 116 -6.06 8.36 -2.83
N ASN A 117 -6.01 9.42 -3.64
CA ASN A 117 -7.21 10.10 -4.14
C ASN A 117 -7.91 9.37 -5.29
N ALA A 118 -7.29 8.30 -5.80
CA ALA A 118 -7.87 7.55 -6.90
C ALA A 118 -7.27 6.16 -6.91
N PHE A 119 -8.07 5.16 -7.29
CA PHE A 119 -7.63 3.76 -7.32
C PHE A 119 -6.58 3.48 -8.38
N ARG A 120 -5.53 2.79 -8.01
CA ARG A 120 -4.47 2.45 -8.94
C ARG A 120 -4.69 1.04 -9.50
N ALA A 121 -4.89 0.95 -10.81
CA ALA A 121 -5.08 -0.34 -11.47
C ALA A 121 -3.74 -0.81 -12.01
N ALA A 122 -3.35 -2.02 -11.63
CA ALA A 122 -2.09 -2.61 -12.08
C ALA A 122 -2.28 -3.31 -13.43
N LEU A 123 -1.27 -3.23 -14.29
CA LEU A 123 -1.34 -3.87 -15.59
C LEU A 123 -0.74 -5.28 -15.52
N LYS A 124 -1.28 -6.21 -16.31
CA LYS A 124 -0.73 -7.58 -16.30
C LYS A 124 0.69 -7.45 -16.86
N LEU A 125 1.64 -8.12 -16.23
CA LEU A 125 3.03 -8.03 -16.65
C LEU A 125 3.22 -8.39 -18.11
N SER A 126 2.27 -9.12 -18.65
CA SER A 126 2.32 -9.56 -20.04
C SER A 126 1.64 -8.58 -20.98
N GLN A 127 1.12 -7.49 -20.41
CA GLN A 127 0.44 -6.47 -21.19
C GLN A 127 0.85 -5.05 -20.76
N LEU A 128 2.14 -4.87 -20.50
CA LEU A 128 2.66 -3.57 -20.06
C LEU A 128 2.67 -2.60 -21.24
N VAL A 129 2.18 -1.38 -21.00
CA VAL A 129 2.14 -0.36 -22.04
C VAL A 129 3.49 0.34 -22.14
N ASP A 130 3.94 0.58 -23.37
CA ASP A 130 5.21 1.26 -23.61
C ASP A 130 5.03 2.75 -23.35
N ILE A 131 5.98 3.34 -22.64
CA ILE A 131 5.90 4.76 -22.36
C ILE A 131 7.26 5.40 -22.59
N ILE A 132 7.26 6.71 -22.75
CA ILE A 132 8.49 7.46 -22.95
C ILE A 132 8.46 8.59 -21.96
N LEU A 133 9.54 8.77 -21.22
CA LEU A 133 9.62 9.87 -20.26
C LEU A 133 10.61 10.86 -20.85
N ASP A 134 10.19 12.10 -21.07
CA ASP A 134 11.09 13.10 -21.65
C ASP A 134 10.70 14.53 -21.32
N GLY A 135 11.61 15.46 -21.61
CA GLY A 135 11.36 16.86 -21.35
C GLY A 135 12.64 17.67 -21.29
N ALA A 136 12.48 18.99 -21.31
CA ALA A 136 13.62 19.90 -21.27
C ALA A 136 14.52 19.74 -20.05
N HIS A 137 13.96 19.42 -18.89
CA HIS A 137 14.78 19.28 -17.70
C HIS A 137 15.31 17.88 -17.42
N LEU A 138 15.11 16.96 -18.35
CA LEU A 138 15.62 15.61 -18.17
C LEU A 138 17.14 15.69 -18.31
N LYS A 139 17.86 15.04 -17.41
CA LYS A 139 19.33 15.03 -17.46
C LYS A 139 19.87 13.84 -18.24
N GLY A 140 20.96 14.06 -18.96
CA GLY A 140 21.54 13.00 -19.75
C GLY A 140 21.19 13.20 -21.21
N ASN A 141 21.41 12.17 -22.03
CA ASN A 141 21.11 12.27 -23.44
C ASN A 141 19.98 11.37 -23.92
N GLY A 142 18.91 12.00 -24.43
CA GLY A 142 17.79 11.25 -24.96
C GLY A 142 16.61 10.97 -24.04
N ALA A 143 15.46 10.74 -24.66
CA ALA A 143 14.24 10.43 -23.94
C ALA A 143 14.38 9.02 -23.40
N MET A 144 13.77 8.76 -22.25
CA MET A 144 13.86 7.44 -21.63
C MET A 144 12.66 6.55 -21.96
N ARG A 145 12.92 5.38 -22.52
CA ARG A 145 11.83 4.46 -22.83
C ARG A 145 11.56 3.68 -21.55
N GLY A 146 10.31 3.29 -21.34
CA GLY A 146 9.99 2.53 -20.14
C GLY A 146 8.68 1.80 -20.28
N LYS A 147 8.19 1.29 -19.16
CA LYS A 147 6.94 0.56 -19.14
C LYS A 147 5.99 1.14 -18.08
N LEU A 148 4.69 0.99 -18.33
CA LEU A 148 3.66 1.46 -17.41
C LEU A 148 3.33 0.26 -16.52
N LEU A 149 3.37 0.44 -15.20
CA LEU A 149 3.07 -0.65 -14.27
C LEU A 149 1.68 -0.54 -13.64
N ASP A 150 1.32 0.66 -13.20
CA ASP A 150 -0.02 0.88 -12.68
C ASP A 150 -0.43 2.29 -13.01
N ILE A 151 -1.74 2.55 -12.99
CA ILE A 151 -2.25 3.85 -13.34
C ILE A 151 -3.55 4.12 -12.59
N SER A 152 -3.76 5.38 -12.23
CA SER A 152 -4.96 5.83 -11.53
C SER A 152 -5.35 7.07 -12.30
N ALA A 153 -6.48 7.68 -11.95
CA ALA A 153 -6.92 8.88 -12.65
C ALA A 153 -5.93 10.04 -12.48
N THR A 154 -5.18 10.02 -11.37
CA THR A 154 -4.24 11.09 -11.03
C THR A 154 -2.74 10.85 -11.30
N GLY A 155 -2.35 9.60 -11.55
CA GLY A 155 -0.95 9.35 -11.82
C GLY A 155 -0.68 7.92 -12.25
N CYS A 156 0.59 7.56 -12.30
CA CYS A 156 0.97 6.21 -12.71
C CYS A 156 2.33 5.79 -12.18
N LYS A 157 2.59 4.49 -12.26
CA LYS A 157 3.86 3.91 -11.83
C LYS A 157 4.62 3.46 -13.10
N LEU A 158 5.90 3.82 -13.17
CA LEU A 158 6.73 3.51 -14.34
C LEU A 158 7.92 2.63 -14.01
N ARG A 159 8.41 1.95 -15.04
CA ARG A 159 9.56 1.05 -14.92
C ARG A 159 10.60 1.35 -16.00
N PHE A 160 11.87 1.43 -15.58
CA PHE A 160 12.97 1.71 -16.51
C PHE A 160 14.08 0.70 -16.27
N GLU A 161 14.67 0.22 -17.37
CA GLU A 161 15.76 -0.73 -17.29
C GLU A 161 17.00 -0.03 -16.74
N GLY A 162 17.76 -0.70 -15.89
CA GLY A 162 18.94 -0.09 -15.32
C GLY A 162 18.63 1.02 -14.33
N ASN A 163 19.69 1.59 -13.76
CA ASN A 163 19.60 2.67 -12.77
C ASN A 163 19.53 4.02 -13.50
N VAL A 164 18.45 4.78 -13.29
CA VAL A 164 18.35 6.08 -13.96
C VAL A 164 18.16 7.21 -12.96
N GLU A 165 18.42 6.93 -11.69
CA GLU A 165 18.27 7.95 -10.65
C GLU A 165 18.93 9.29 -10.96
N ASP A 166 20.21 9.24 -11.37
CA ASP A 166 20.98 10.45 -11.65
C ASP A 166 20.45 11.28 -12.81
N ARG A 167 19.59 10.68 -13.64
CA ARG A 167 19.02 11.40 -14.77
C ARG A 167 17.72 12.10 -14.40
N LEU A 168 17.22 11.87 -13.19
CA LEU A 168 15.96 12.45 -12.75
C LEU A 168 16.10 13.25 -11.46
N GLN A 169 15.03 13.96 -11.11
CA GLN A 169 15.01 14.73 -9.88
C GLN A 169 13.60 14.75 -9.27
N LEU A 170 13.50 14.39 -7.99
CA LEU A 170 12.20 14.37 -7.33
C LEU A 170 11.58 15.75 -7.43
N GLY A 171 10.29 15.80 -7.74
CA GLY A 171 9.60 17.08 -7.86
C GLY A 171 9.72 17.71 -9.25
N GLN A 172 10.65 17.21 -10.06
CA GLN A 172 10.82 17.75 -11.40
C GLN A 172 9.62 17.42 -12.28
N VAL A 173 9.32 18.33 -13.19
CA VAL A 173 8.22 18.18 -14.12
C VAL A 173 8.76 17.85 -15.51
N TYR A 174 8.15 16.85 -16.15
CA TYR A 174 8.54 16.40 -17.49
C TYR A 174 7.33 16.54 -18.42
N GLU A 175 7.43 17.54 -19.30
CA GLU A 175 6.36 17.86 -20.23
C GLU A 175 6.28 17.05 -21.52
N ARG A 176 7.15 16.05 -21.71
CA ARG A 176 7.09 15.24 -22.94
C ARG A 176 6.83 13.75 -22.68
N PHE A 177 5.96 13.46 -21.72
CA PHE A 177 5.64 12.08 -21.39
C PHE A 177 4.70 11.53 -22.47
N LYS A 178 4.95 10.29 -22.91
CA LYS A 178 4.11 9.63 -23.92
C LYS A 178 3.79 8.22 -23.47
N ALA A 179 2.68 7.68 -23.98
CA ALA A 179 2.25 6.33 -23.66
C ALA A 179 1.61 5.71 -24.90
N GLY A 180 2.03 4.50 -25.25
CA GLY A 180 1.50 3.84 -26.43
C GLY A 180 0.10 3.29 -26.29
N ASN A 181 -0.27 2.38 -27.19
CA ASN A 181 -1.59 1.77 -27.15
C ASN A 181 -1.86 1.11 -25.80
N PRO A 182 -3.11 1.21 -25.30
CA PRO A 182 -4.22 1.88 -25.99
C PRO A 182 -4.48 3.29 -25.47
N LEU A 183 -3.50 3.87 -24.80
CA LEU A 183 -3.68 5.23 -24.27
C LEU A 183 -3.47 6.29 -25.34
N GLY A 184 -2.34 6.23 -26.03
CA GLY A 184 -2.09 7.23 -27.04
C GLY A 184 -1.80 8.62 -26.50
N LEU A 185 -1.18 8.68 -25.32
CA LEU A 185 -0.83 9.95 -24.70
C LEU A 185 0.41 10.57 -25.38
N VAL A 186 0.38 11.88 -25.61
CA VAL A 186 1.50 12.57 -26.20
C VAL A 186 1.66 13.92 -25.53
N ASP A 187 2.91 14.36 -25.41
CA ASP A 187 3.20 15.65 -24.79
C ASP A 187 2.43 15.83 -23.50
N THR A 188 2.58 14.87 -22.60
CA THR A 188 1.92 14.91 -21.31
C THR A 188 2.91 15.36 -20.25
N MET A 189 2.40 16.16 -19.32
CA MET A 189 3.20 16.66 -18.22
C MET A 189 3.03 15.73 -17.01
N VAL A 190 4.13 15.27 -16.44
CA VAL A 190 4.09 14.42 -15.27
C VAL A 190 5.16 14.94 -14.33
N GLU A 191 4.93 14.80 -13.02
CA GLU A 191 5.87 15.26 -12.01
C GLU A 191 6.35 14.05 -11.21
N LEU A 192 7.66 13.87 -11.10
CA LEU A 192 8.24 12.74 -10.37
C LEU A 192 7.98 12.88 -8.88
N ARG A 193 7.36 11.87 -8.30
CA ARG A 193 7.00 11.88 -6.87
C ARG A 193 7.87 10.96 -6.01
N HIS A 194 8.29 9.85 -6.59
CA HIS A 194 9.13 8.90 -5.89
C HIS A 194 9.82 7.96 -6.86
N LEU A 195 10.97 7.44 -6.45
CA LEU A 195 11.71 6.51 -7.27
C LEU A 195 12.76 5.79 -6.44
N HIS A 196 13.19 4.64 -6.93
CA HIS A 196 14.20 3.86 -6.28
C HIS A 196 14.72 2.84 -7.28
N TYR A 197 15.98 2.46 -7.09
CA TYR A 197 16.62 1.51 -7.96
C TYR A 197 16.76 0.18 -7.24
N GLU A 198 16.52 -0.91 -7.95
CA GLU A 198 16.68 -2.24 -7.39
C GLU A 198 17.79 -2.93 -8.16
N GLU A 199 18.98 -2.94 -7.59
CA GLU A 199 20.15 -3.55 -8.23
C GLU A 199 19.92 -5.01 -8.64
N ARG A 200 19.37 -5.81 -7.73
CA ARG A 200 19.13 -7.22 -8.00
C ARG A 200 18.53 -7.50 -9.37
N ILE A 201 17.60 -6.65 -9.81
CA ILE A 201 16.98 -6.84 -11.12
C ILE A 201 17.27 -5.69 -12.06
N ASN A 202 18.24 -4.86 -11.69
CA ASN A 202 18.65 -3.71 -12.50
C ASN A 202 17.46 -2.98 -13.08
N THR A 203 16.66 -2.43 -12.17
CA THR A 203 15.45 -1.68 -12.52
C THR A 203 15.15 -0.53 -11.56
N THR A 204 14.78 0.62 -12.13
CA THR A 204 14.41 1.80 -11.33
C THR A 204 12.90 1.96 -11.54
N PHE A 205 12.19 2.18 -10.45
CA PHE A 205 10.75 2.36 -10.50
C PHE A 205 10.45 3.80 -10.11
N ALA A 206 9.42 4.36 -10.70
CA ALA A 206 9.06 5.74 -10.39
C ALA A 206 7.55 5.96 -10.37
N GLY A 207 7.16 6.87 -9.49
CA GLY A 207 5.77 7.22 -9.37
C GLY A 207 5.68 8.66 -9.81
N VAL A 208 4.76 8.95 -10.72
CA VAL A 208 4.59 10.31 -11.20
C VAL A 208 3.12 10.73 -11.07
N ARG A 209 2.90 12.05 -11.07
CA ARG A 209 1.58 12.66 -10.98
C ARG A 209 1.33 13.46 -12.26
N PHE A 210 0.14 13.30 -12.89
CA PHE A 210 -0.22 14.03 -14.12
C PHE A 210 -0.52 15.49 -13.78
N HIS A 211 -0.41 16.36 -14.79
CA HIS A 211 -0.69 17.78 -14.64
C HIS A 211 -1.21 18.36 -15.95
N ASN A 212 -2.13 19.33 -15.84
CA ASN A 212 -2.73 20.01 -16.98
C ASN A 212 -3.20 19.08 -18.09
N LEU A 213 -4.01 18.08 -17.72
CA LEU A 213 -4.56 17.12 -18.68
C LEU A 213 -5.86 17.62 -19.28
N SER A 214 -6.01 17.43 -20.59
CA SER A 214 -7.23 17.82 -21.29
C SER A 214 -8.32 16.83 -20.91
N GLY A 215 -9.58 17.15 -21.21
CA GLY A 215 -10.66 16.24 -20.86
C GLY A 215 -10.47 14.92 -21.58
N GLN A 216 -10.16 15.00 -22.86
CA GLN A 216 -9.96 13.82 -23.68
C GLN A 216 -8.89 12.92 -23.07
N ALA A 217 -7.78 13.52 -22.65
CA ALA A 217 -6.71 12.77 -22.03
C ALA A 217 -7.19 12.11 -20.73
N GLN A 218 -7.96 12.84 -19.94
CA GLN A 218 -8.47 12.31 -18.69
C GLN A 218 -9.44 11.15 -18.92
N ARG A 219 -10.40 11.34 -19.82
CA ARG A 219 -11.35 10.29 -20.12
C ARG A 219 -10.65 9.04 -20.67
N LYS A 220 -9.56 9.26 -21.40
CA LYS A 220 -8.81 8.16 -21.96
C LYS A 220 -8.05 7.39 -20.87
N ILE A 221 -7.44 8.11 -19.93
CA ILE A 221 -6.70 7.48 -18.84
C ILE A 221 -7.70 6.76 -17.92
N GLU A 222 -8.77 7.46 -17.56
CA GLU A 222 -9.78 6.90 -16.67
C GLU A 222 -10.53 5.69 -17.26
N SER A 223 -10.78 5.69 -18.57
CA SER A 223 -11.48 4.56 -19.16
C SER A 223 -10.58 3.32 -19.18
N PHE A 224 -9.26 3.53 -19.25
CA PHE A 224 -8.30 2.42 -19.24
C PHE A 224 -8.27 1.85 -17.82
N VAL A 225 -8.17 2.73 -16.83
CA VAL A 225 -8.17 2.31 -15.44
C VAL A 225 -9.40 1.45 -15.20
N TYR A 226 -10.54 1.93 -15.67
CA TYR A 226 -11.79 1.22 -15.51
C TYR A 226 -11.73 -0.13 -16.20
N GLN A 227 -11.21 -0.16 -17.42
CA GLN A 227 -11.14 -1.41 -18.14
C GLN A 227 -10.16 -2.40 -17.53
N LEU A 228 -9.05 -1.89 -16.99
CA LEU A 228 -8.07 -2.77 -16.37
C LEU A 228 -8.66 -3.63 -15.26
N GLN A 229 -9.59 -3.10 -14.49
CA GLN A 229 -10.19 -3.88 -13.42
C GLN A 229 -11.44 -4.61 -13.88
N ARG A 230 -11.87 -4.34 -15.11
CA ARG A 230 -13.03 -5.02 -15.66
C ARG A 230 -12.60 -6.47 -15.76
N GLU A 231 -11.33 -6.67 -16.11
CA GLU A 231 -10.78 -8.01 -16.24
C GLU A 231 -10.06 -8.41 -14.96
P 5GP B . 2.75 -0.63 -3.50
O1P 5GP B . 3.19 -1.64 -4.50
O2P 5GP B . 1.61 0.18 -4.02
O5' 5GP B . 3.90 0.42 -3.18
C5' 5GP B . 5.22 -0.04 -2.89
C4' 5GP B . 6.12 1.12 -2.44
O4' 5GP B . 6.22 2.14 -3.44
C3' 5GP B . 5.52 1.82 -1.22
O3' 5GP B . 5.85 1.06 -0.06
C2' 5GP B . 6.35 3.10 -1.27
O2' 5GP B . 7.69 2.81 -0.88
C1' 5GP B . 6.32 3.41 -2.76
N9 5GP B . 5.11 4.21 -3.09
C8 5GP B . 3.97 3.76 -3.61
N7 5GP B . 3.13 4.77 -3.79
C5 5GP B . 3.73 5.88 -3.36
C6 5GP B . 3.34 7.21 -3.32
O6 5GP B . 2.22 7.56 -3.71
N1 5GP B . 4.24 8.16 -2.82
C2 5GP B . 5.51 7.74 -2.38
N2 5GP B . 6.39 8.63 -1.94
N3 5GP B . 5.84 6.44 -2.45
C4 5GP B . 4.99 5.52 -2.92
P 5GP C . 5.05 1.21 1.32
O1P 5GP C . 4.84 2.63 1.70
O2P 5GP C . 5.72 0.45 2.40
O5' 5GP C . 3.65 0.47 1.08
C5' 5GP C . 3.62 -0.92 0.75
C4' 5GP C . 2.22 -1.32 0.28
O4' 5GP C . 1.21 -0.93 1.22
C3' 5GP C . 1.87 -0.57 -1.01
O3' 5GP C . 2.43 -1.31 -2.10
C2' 5GP C . 0.36 -0.75 -1.01
O2' 5GP C . 0.01 -2.08 -1.40
C1' 5GP C . 0.04 -0.55 0.48
N9 5GP C . -0.22 0.88 0.75
C8 5GP C . 0.52 1.70 1.49
N7 5GP C . -0.11 2.86 1.63
C5 5GP C . -1.27 2.78 0.97
C6 5GP C . -2.33 3.66 0.80
O6 5GP C . -2.35 4.76 1.37
N1 5GP C . -3.42 3.25 0.02
C2 5GP C . -3.42 1.98 -0.56
N2 5GP C . -4.42 1.60 -1.33
N3 5GP C . -2.37 1.15 -0.35
C4 5GP C . -1.33 1.53 0.38
P 5GP D . 3.02 11.71 -3.44
O1P 5GP D . 4.12 10.73 -3.24
O2P 5GP D . 3.54 13.10 -3.57
O5' 5GP D . 2.23 11.42 -4.79
C5' 5GP D . 1.27 12.35 -5.28
C4' 5GP D . 0.53 11.73 -6.48
O4' 5GP D . 1.45 11.21 -7.46
C3' 5GP D . -0.27 10.50 -6.05
O3' 5GP D . -1.45 10.93 -5.39
C2' 5GP D . -0.60 10.02 -7.46
O2' 5GP D . -1.47 10.95 -8.09
C1' 5GP D . 0.78 10.11 -8.11
N9 5GP D . 1.60 8.91 -7.85
C8 5GP D . 2.76 8.88 -7.19
N7 5GP D . 3.25 7.64 -7.22
C5 5GP D . 2.41 6.88 -7.90
C6 5GP D . 2.42 5.53 -8.24
O6 5GP D . 3.36 4.80 -7.94
N1 5GP D . 1.35 5.02 -8.98
C2 5GP D . 0.29 5.87 -9.34
N2 5GP D . -0.74 5.40 -10.03
N3 5GP D . 0.33 7.17 -9.00
C4 5GP D . 1.35 7.68 -8.31
P 5GP E . -2.21 9.95 -4.37
O1P 5GP E . -2.47 8.62 -4.98
O2P 5GP E . -3.47 10.56 -3.86
O5' 5GP E . -1.26 9.83 -3.10
C5' 5GP E . -1.08 10.96 -2.23
C4' 5GP E . 0.02 10.68 -1.21
O4' 5GP E . -0.25 9.50 -0.43
C3' 5GP E . 1.33 10.35 -1.92
O3' 5GP E . 1.91 11.61 -2.29
C2' 5GP E . 2.09 9.76 -0.74
O2' 5GP E . 2.50 10.82 0.14
C1' 5GP E . 1.02 8.92 -0.07
N9 5GP E . 0.99 7.53 -0.58
C8 5GP E . 0.07 7.00 -1.39
N7 5GP E . 0.32 5.70 -1.55
C5 5GP E . 1.41 5.41 -0.85
C6 5GP E . 2.11 4.23 -0.65
O6 5GP E . 1.72 3.17 -1.14
N1 5GP E . 3.25 4.26 0.17
C2 5GP E . 3.64 5.47 0.75
N2 5GP E . 4.74 5.53 1.50
N3 5GP E . 2.94 6.59 0.54
C4 5GP E . 1.84 6.57 -0.24
#